data_3GBF
#
_entry.id   3GBF
#
_cell.length_a   84.974
_cell.length_b   94.695
_cell.length_c   101.595
_cell.angle_alpha   90.00
_cell.angle_beta   90.00
_cell.angle_gamma   90.00
#
_symmetry.space_group_name_H-M   'C 2 2 21'
#
loop_
_entity.id
_entity.type
_entity.pdbx_description
1 polymer PhpD
2 non-polymer '(2-hydroxyethyl)phosphonic acid'
3 non-polymer 'CADMIUM ION'
4 water water
#
_entity_poly.entity_id   1
_entity_poly.type   'polypeptide(L)'
_entity_poly.pdbx_seq_one_letter_code
;(MSE)RIDPFKLAHW(MSE)NARKYTAAQTADLAGLPLDDLRRLLGDEANEPDPAAATALAEALSVEPSQLAADAHRNLT
VVHKSAEE(MSE)HASRRPIQRDGIHFYNYYTLAAPEGRVAPVVLDILCPSDRLPALNNGHLEPAITVNLGPGDINGRWG
EEITPQTWRVLHANHGGDRWITGDSYVEPSYCPHSYSLAGDAPARIVSYTAQSNISPL(MSE)TEANNWSTGAFEEALKA
LSGKVSAGSVLDLFLARRAHTRTSAAEAAGVPPADLEAALRSPASETGLTVLRTLGRALGFDYRVLLPADDQHDGVGKTW
TTIEDSRRSRRTFGTYEAAS(MSE)ASAAHLPDLVGSFLRVDADGRGADLIDHAENHYVVTEGRLTLEWDGPDGPASVEL
EPDGSAWTGPFVRHRWHGTGTVLKFGSGAHLGYQDWLELTNTFEPAATLRRGRRDLAGWGYDN
;
_entity_poly.pdbx_strand_id   A
#
# COMPACT_ATOMS: atom_id res chain seq x y z
N ARG A 2 -24.16 -9.23 4.62
CA ARG A 2 -25.03 -8.82 3.51
C ARG A 2 -24.58 -9.32 2.13
N ILE A 3 -25.41 -9.07 1.12
CA ILE A 3 -25.14 -9.47 -0.26
C ILE A 3 -24.73 -8.25 -1.10
N ASP A 4 -23.62 -8.41 -1.82
CA ASP A 4 -23.14 -7.37 -2.74
C ASP A 4 -23.87 -7.52 -4.06
N PRO A 5 -24.64 -6.49 -4.47
CA PRO A 5 -25.38 -6.55 -5.74
C PRO A 5 -24.46 -6.75 -6.95
N PHE A 6 -23.27 -6.17 -6.90
CA PHE A 6 -22.29 -6.22 -8.00
C PHE A 6 -21.70 -7.61 -8.18
N LYS A 7 -21.38 -8.27 -7.06
CA LYS A 7 -20.87 -9.62 -7.05
C LYS A 7 -21.95 -10.61 -7.48
N LEU A 8 -23.17 -10.41 -7.01
CA LEU A 8 -24.29 -11.28 -7.36
C LEU A 8 -24.57 -11.25 -8.86
N ALA A 9 -24.64 -10.04 -9.40
CA ALA A 9 -24.84 -9.85 -10.83
C ALA A 9 -23.71 -10.48 -11.66
N HIS A 10 -22.48 -10.33 -11.19
CA HIS A 10 -21.34 -10.97 -11.84
C HIS A 10 -21.55 -12.49 -11.95
N TRP A 11 -21.84 -13.14 -10.82
CA TRP A 11 -22.01 -14.60 -10.85
C TRP A 11 -23.19 -15.07 -11.68
N ASN A 13 -24.38 -13.50 -14.31
CA ASN A 13 -23.89 -13.37 -15.67
C ASN A 13 -22.94 -14.49 -16.07
N ALA A 14 -22.02 -14.83 -15.17
CA ALA A 14 -21.03 -15.90 -15.37
C ALA A 14 -21.67 -17.27 -15.54
N ARG A 15 -22.75 -17.53 -14.82
CA ARG A 15 -23.49 -18.79 -14.98
C ARG A 15 -24.47 -18.70 -16.15
N LYS A 16 -24.63 -17.49 -16.67
CA LYS A 16 -25.60 -17.15 -17.71
C LYS A 16 -27.04 -17.44 -17.30
N TYR A 17 -27.34 -17.20 -16.02
CA TYR A 17 -28.69 -17.35 -15.49
C TYR A 17 -29.43 -16.02 -15.51
N THR A 18 -30.72 -16.06 -15.80
CA THR A 18 -31.55 -14.89 -15.57
C THR A 18 -31.92 -14.78 -14.09
N ALA A 19 -32.53 -13.66 -13.71
CA ALA A 19 -32.99 -13.47 -12.34
C ALA A 19 -34.03 -14.53 -11.99
N ALA A 20 -34.91 -14.80 -12.95
CA ALA A 20 -35.93 -15.83 -12.81
C ALA A 20 -35.32 -17.21 -12.54
N GLN A 21 -34.35 -17.60 -13.38
CA GLN A 21 -33.67 -18.89 -13.27
C GLN A 21 -32.92 -18.98 -11.96
N THR A 22 -32.25 -17.90 -11.59
CA THR A 22 -31.49 -17.82 -10.35
C THR A 22 -32.43 -18.03 -9.16
N ALA A 23 -33.51 -17.25 -9.11
CA ALA A 23 -34.51 -17.40 -8.04
C ALA A 23 -35.00 -18.85 -7.99
N ASP A 24 -35.35 -19.40 -9.17
CA ASP A 24 -35.79 -20.79 -9.32
C ASP A 24 -34.79 -21.80 -8.77
N LEU A 25 -33.54 -21.71 -9.22
CA LEU A 25 -32.47 -22.62 -8.76
C LEU A 25 -32.22 -22.54 -7.26
N ALA A 26 -32.27 -21.33 -6.72
CA ALA A 26 -31.97 -21.09 -5.31
C ALA A 26 -33.20 -21.25 -4.42
N GLY A 27 -34.35 -21.46 -5.06
CA GLY A 27 -35.61 -21.66 -4.35
C GLY A 27 -35.97 -20.48 -3.47
N LEU A 28 -35.72 -19.26 -3.94
CA LEU A 28 -36.18 -18.10 -3.19
C LEU A 28 -37.08 -17.21 -4.03
N PRO A 29 -37.80 -16.28 -3.37
CA PRO A 29 -38.70 -15.36 -4.04
C PRO A 29 -37.94 -14.46 -5.00
N LEU A 30 -38.49 -14.30 -6.20
CA LEU A 30 -37.91 -13.45 -7.24
C LEU A 30 -37.89 -11.96 -6.87
N ASP A 31 -38.84 -11.52 -6.04
CA ASP A 31 -38.83 -10.14 -5.56
C ASP A 31 -37.66 -9.88 -4.63
N ASP A 32 -37.30 -10.87 -3.82
CA ASP A 32 -36.15 -10.74 -2.95
C ASP A 32 -34.87 -10.58 -3.76
N LEU A 33 -34.74 -11.37 -4.82
CA LEU A 33 -33.57 -11.29 -5.68
C LEU A 33 -33.48 -9.95 -6.41
N ARG A 34 -34.60 -9.52 -7.00
CA ARG A 34 -34.67 -8.23 -7.69
C ARG A 34 -34.30 -7.06 -6.78
N ARG A 35 -34.63 -7.19 -5.49
CA ARG A 35 -34.27 -6.18 -4.49
C ARG A 35 -32.80 -6.26 -4.09
N LEU A 36 -32.27 -7.47 -3.96
CA LEU A 36 -30.86 -7.66 -3.63
C LEU A 36 -29.97 -7.10 -4.75
N LEU A 37 -30.54 -6.97 -5.95
CA LEU A 37 -29.85 -6.45 -7.12
C LEU A 37 -30.03 -4.94 -7.23
N PRO A 46 -29.92 -13.60 5.48
CA PRO A 46 -28.87 -14.60 5.60
C PRO A 46 -29.23 -15.91 4.90
N ALA A 47 -30.52 -16.28 4.93
CA ALA A 47 -31.00 -17.49 4.28
C ALA A 47 -30.91 -17.42 2.75
N ALA A 48 -30.99 -16.20 2.21
CA ALA A 48 -30.83 -15.97 0.78
C ALA A 48 -29.42 -16.28 0.32
N ALA A 49 -28.42 -15.81 1.07
CA ALA A 49 -27.01 -15.97 0.70
C ALA A 49 -26.60 -17.43 0.52
N THR A 50 -26.92 -18.26 1.51
CA THR A 50 -26.60 -19.70 1.43
C THR A 50 -27.21 -20.37 0.20
N ALA A 51 -28.48 -20.06 -0.07
CA ALA A 51 -29.20 -20.64 -1.21
C ALA A 51 -28.62 -20.14 -2.54
N LEU A 52 -28.34 -18.83 -2.60
CA LEU A 52 -27.80 -18.22 -3.81
C LEU A 52 -26.45 -18.81 -4.15
N ALA A 53 -25.59 -18.87 -3.13
CA ALA A 53 -24.25 -19.43 -3.26
C ALA A 53 -24.26 -20.84 -3.83
N GLU A 54 -25.11 -21.72 -3.29
CA GLU A 54 -25.20 -23.09 -3.79
C GLU A 54 -25.75 -23.12 -5.22
N ALA A 55 -26.72 -22.24 -5.52
CA ALA A 55 -27.27 -22.15 -6.88
C ALA A 55 -26.23 -21.68 -7.92
N LEU A 56 -25.36 -20.76 -7.50
CA LEU A 56 -24.37 -20.13 -8.37
C LEU A 56 -23.00 -20.77 -8.25
N SER A 57 -22.95 -21.88 -7.52
CA SER A 57 -21.76 -22.71 -7.33
C SER A 57 -20.56 -21.91 -6.82
N VAL A 58 -20.83 -20.94 -5.95
CA VAL A 58 -19.79 -20.16 -5.30
C VAL A 58 -19.88 -20.31 -3.79
N GLU A 59 -18.81 -19.90 -3.12
CA GLU A 59 -18.80 -19.82 -1.67
C GLU A 59 -19.51 -18.53 -1.26
N PRO A 60 -20.34 -18.59 -0.18
CA PRO A 60 -21.06 -17.41 0.31
C PRO A 60 -20.23 -16.12 0.40
N SER A 61 -18.94 -16.25 0.69
CA SER A 61 -18.05 -15.09 0.78
C SER A 61 -17.75 -14.44 -0.58
N GLN A 62 -17.97 -15.21 -1.65
CA GLN A 62 -17.89 -14.66 -3.00
C GLN A 62 -19.11 -13.79 -3.33
N LEU A 63 -20.10 -13.78 -2.44
CA LEU A 63 -21.30 -12.95 -2.63
C LEU A 63 -21.47 -11.91 -1.53
N ALA A 64 -20.60 -11.95 -0.53
CA ALA A 64 -20.70 -11.06 0.62
C ALA A 64 -20.34 -9.62 0.28
N ALA A 65 -21.17 -8.69 0.77
CA ALA A 65 -20.88 -7.27 0.69
C ALA A 65 -19.84 -6.92 1.74
N ASP A 66 -19.13 -5.82 1.52
CA ASP A 66 -18.13 -5.34 2.46
C ASP A 66 -18.78 -4.97 3.78
N ALA A 67 -18.09 -5.27 4.87
CA ALA A 67 -18.57 -4.97 6.21
C ALA A 67 -18.70 -3.46 6.42
N HIS A 68 -17.85 -2.71 5.74
CA HIS A 68 -17.88 -1.26 5.80
C HIS A 68 -18.37 -0.70 4.48
N ARG A 69 -19.48 0.03 4.54
CA ARG A 69 -20.00 0.75 3.39
C ARG A 69 -20.19 2.21 3.72
N ASN A 70 -19.77 3.07 2.79
CA ASN A 70 -19.91 4.53 2.89
C ASN A 70 -19.00 5.18 3.94
N LEU A 71 -17.92 4.49 4.31
CA LEU A 71 -16.93 5.11 5.21
C LEU A 71 -16.28 6.31 4.55
N THR A 72 -16.10 7.36 5.32
CA THR A 72 -15.39 8.54 4.82
C THR A 72 -14.20 8.77 5.73
N VAL A 73 -14.48 9.00 7.02
CA VAL A 73 -13.46 9.34 8.00
C VAL A 73 -13.69 8.51 9.25
N VAL A 74 -12.61 7.97 9.81
CA VAL A 74 -12.63 7.34 11.15
C VAL A 74 -11.63 8.14 11.98
N HIS A 75 -11.90 8.33 13.27
CA HIS A 75 -10.94 9.08 14.12
C HIS A 75 -10.79 8.44 15.50
N LYS A 76 -9.71 8.77 16.18
CA LYS A 76 -9.35 8.20 17.47
C LYS A 76 -8.69 9.27 18.30
N SER A 77 -9.24 9.56 19.47
CA SER A 77 -8.71 10.63 20.33
C SER A 77 -7.34 10.25 20.88
N ALA A 78 -6.59 11.22 21.39
CA ALA A 78 -5.32 10.95 22.06
C ALA A 78 -5.54 10.02 23.27
N GLU A 79 -6.65 10.24 23.97
CA GLU A 79 -7.02 9.41 25.10
C GLU A 79 -7.21 7.94 24.70
N GLU A 80 -7.98 7.70 23.64
CA GLU A 80 -8.23 6.35 23.14
C GLU A 80 -6.94 5.70 22.64
N HIS A 82 -3.88 6.38 23.84
CA HIS A 82 -3.14 6.02 25.06
C HIS A 82 -3.73 4.79 25.73
N ALA A 83 -5.05 4.67 25.72
CA ALA A 83 -5.76 3.51 26.29
C ALA A 83 -5.44 2.20 25.55
N SER A 84 -5.05 2.30 24.29
CA SER A 84 -4.71 1.12 23.49
C SER A 84 -3.36 0.51 23.86
N ARG A 85 -2.60 1.17 24.72
CA ARG A 85 -1.24 0.71 25.04
C ARG A 85 -1.18 -0.77 25.39
N ARG A 86 -0.26 -1.47 24.73
CA ARG A 86 0.03 -2.87 25.02
C ARG A 86 1.54 -3.02 25.17
N PRO A 87 1.99 -3.46 26.36
CA PRO A 87 3.42 -3.73 26.52
C PRO A 87 3.82 -5.00 25.79
N ILE A 88 5.06 -5.02 25.31
CA ILE A 88 5.64 -6.17 24.65
C ILE A 88 6.95 -6.50 25.35
N GLN A 89 7.06 -7.76 25.79
CA GLN A 89 8.30 -8.28 26.37
C GLN A 89 9.05 -9.08 25.31
N ARG A 90 10.34 -8.78 25.17
CA ARG A 90 11.22 -9.51 24.27
C ARG A 90 12.59 -9.58 24.93
N ASP A 91 13.23 -10.75 24.83
CA ASP A 91 14.58 -10.95 25.37
C ASP A 91 14.59 -10.69 26.89
N GLY A 92 13.51 -11.11 27.56
CA GLY A 92 13.40 -10.94 29.01
C GLY A 92 13.21 -9.53 29.54
N ILE A 93 13.05 -8.55 28.65
CA ILE A 93 12.77 -7.19 29.09
C ILE A 93 11.50 -6.64 28.49
N HIS A 94 10.99 -5.57 29.10
CA HIS A 94 9.93 -4.81 28.51
C HIS A 94 10.53 -4.06 27.33
N PHE A 95 10.18 -4.48 26.12
CA PHE A 95 10.93 -4.11 24.91
C PHE A 95 10.35 -2.91 24.16
N TYR A 96 9.03 -2.96 23.93
CA TYR A 96 8.23 -1.87 23.35
C TYR A 96 6.91 -1.74 24.09
N ASN A 97 6.28 -0.56 23.95
CA ASN A 97 4.84 -0.43 24.05
C ASN A 97 4.27 -0.18 22.66
N TYR A 98 3.19 -0.87 22.31
CA TYR A 98 2.45 -0.67 21.05
C TYR A 98 1.18 0.14 21.31
N TYR A 99 0.97 1.15 20.48
CA TYR A 99 -0.28 1.91 20.47
C TYR A 99 -0.85 1.86 19.05
N THR A 100 -2.17 1.82 18.93
CA THR A 100 -2.80 1.81 17.61
C THR A 100 -3.45 3.15 17.28
N LEU A 101 -3.23 3.61 16.05
CA LEU A 101 -3.88 4.80 15.52
C LEU A 101 -5.21 4.48 14.82
N ALA A 102 -5.93 5.52 14.41
CA ALA A 102 -7.22 5.35 13.75
C ALA A 102 -7.17 4.51 12.47
N ALA A 103 -8.12 3.59 12.36
CA ALA A 103 -8.27 2.72 11.20
C ALA A 103 -9.70 2.18 11.19
N PRO A 104 -10.28 1.93 10.00
CA PRO A 104 -11.55 1.23 9.96
C PRO A 104 -11.49 -0.12 10.71
N GLU A 105 -12.59 -0.49 11.37
CA GLU A 105 -12.67 -1.73 12.15
C GLU A 105 -12.21 -2.90 11.29
N GLY A 106 -11.26 -3.68 11.81
CA GLY A 106 -10.74 -4.83 11.09
C GLY A 106 -9.55 -4.56 10.21
N ARG A 107 -9.35 -3.30 9.80
CA ARG A 107 -8.21 -2.99 8.93
C ARG A 107 -6.91 -2.91 9.72
N VAL A 108 -5.79 -2.87 9.02
CA VAL A 108 -4.50 -2.74 9.71
C VAL A 108 -4.36 -1.33 10.26
N ALA A 109 -4.20 -1.23 11.58
CA ALA A 109 -3.99 0.07 12.23
C ALA A 109 -2.52 0.44 12.23
N PRO A 110 -2.20 1.72 11.95
CA PRO A 110 -0.83 2.19 12.09
C PRO A 110 -0.40 2.12 13.54
N VAL A 111 0.89 1.96 13.76
CA VAL A 111 1.39 1.75 15.12
C VAL A 111 2.35 2.84 15.57
N VAL A 112 2.18 3.25 16.82
CA VAL A 112 3.20 4.03 17.53
C VAL A 112 3.83 3.07 18.54
N LEU A 113 5.15 3.13 18.66
CA LEU A 113 5.88 2.32 19.62
C LEU A 113 6.74 3.18 20.53
N ASP A 114 6.66 2.94 21.84
CA ASP A 114 7.70 3.42 22.76
C ASP A 114 8.93 2.52 22.57
N ILE A 115 10.09 3.14 22.35
CA ILE A 115 11.32 2.38 22.24
C ILE A 115 11.94 2.32 23.64
N LEU A 116 12.00 1.12 24.20
CA LEU A 116 12.39 0.91 25.60
C LEU A 116 13.63 0.05 25.84
N CYS A 117 14.09 -0.66 24.81
CA CYS A 117 15.38 -1.36 24.92
C CYS A 117 16.48 -0.33 25.13
N PRO A 118 17.21 -0.42 26.27
CA PRO A 118 18.21 0.61 26.57
C PRO A 118 19.43 0.53 25.65
N SER A 119 20.21 1.60 25.65
CA SER A 119 21.39 1.76 24.79
C SER A 119 22.48 0.72 24.97
N ASP A 120 22.54 0.12 26.16
CA ASP A 120 23.59 -0.84 26.49
C ASP A 120 23.19 -2.30 26.24
N ARG A 121 21.97 -2.50 25.73
CA ARG A 121 21.51 -3.82 25.29
C ARG A 121 21.16 -3.85 23.78
N LEU A 122 21.79 -4.80 23.07
CA LEU A 122 21.52 -5.01 21.66
C LEU A 122 20.08 -5.45 21.47
N PRO A 123 19.32 -4.70 20.63
CA PRO A 123 17.90 -5.04 20.47
C PRO A 123 17.69 -6.32 19.67
N ALA A 124 17.15 -7.34 20.34
CA ALA A 124 16.78 -8.59 19.69
C ALA A 124 15.86 -8.33 18.48
N LEU A 125 16.18 -8.99 17.37
CA LEU A 125 15.46 -8.80 16.10
C LEU A 125 14.07 -9.42 16.11
N ASN A 126 13.16 -8.85 15.34
CA ASN A 126 11.91 -9.53 15.01
C ASN A 126 12.12 -10.52 13.85
N ASN A 127 11.06 -11.15 13.38
CA ASN A 127 11.15 -12.11 12.28
C ASN A 127 11.03 -11.50 10.89
N GLY A 128 10.76 -10.20 10.81
CA GLY A 128 10.46 -9.54 9.54
C GLY A 128 9.00 -9.69 9.16
N HIS A 129 8.54 -8.91 8.19
CA HIS A 129 7.15 -9.02 7.74
C HIS A 129 7.11 -8.68 6.27
N LEU A 130 6.17 -9.26 5.53
CA LEU A 130 6.08 -9.02 4.09
C LEU A 130 5.94 -7.53 3.68
N GLU A 131 5.11 -6.79 4.40
CA GLU A 131 4.80 -5.43 4.01
C GLU A 131 6.00 -4.52 4.23
N PRO A 132 6.26 -3.57 3.31
CA PRO A 132 7.26 -2.55 3.64
C PRO A 132 6.64 -1.53 4.57
N ALA A 133 7.44 -0.75 5.28
CA ALA A 133 6.91 0.29 6.16
C ALA A 133 7.78 1.52 6.16
N ILE A 134 7.16 2.71 6.20
CA ILE A 134 7.89 3.92 6.59
C ILE A 134 7.91 3.93 8.13
N THR A 135 9.11 4.06 8.67
CA THR A 135 9.36 4.27 10.08
C THR A 135 10.02 5.63 10.24
N VAL A 136 9.44 6.43 11.12
CA VAL A 136 9.95 7.77 11.44
C VAL A 136 10.15 7.92 12.95
N ASN A 137 11.25 8.56 13.34
CA ASN A 137 11.53 8.85 14.73
C ASN A 137 10.76 10.10 15.19
N LEU A 138 9.86 9.93 16.15
CA LEU A 138 9.10 11.05 16.71
C LEU A 138 9.91 11.80 17.76
N GLY A 139 10.99 11.18 18.23
CA GLY A 139 11.76 11.76 19.33
C GLY A 139 11.13 11.51 20.69
N PRO A 140 11.65 12.19 21.73
CA PRO A 140 12.68 13.22 21.60
C PRO A 140 14.11 12.66 21.46
N GLY A 141 14.29 11.38 21.72
CA GLY A 141 15.65 10.80 21.74
C GLY A 141 16.02 10.12 20.44
N ASP A 142 17.31 10.15 20.11
CA ASP A 142 17.87 9.33 19.02
C ASP A 142 17.67 7.85 19.33
N ILE A 143 17.48 7.03 18.30
CA ILE A 143 17.39 5.58 18.48
C ILE A 143 18.39 4.83 17.60
N ASN A 144 18.63 3.57 17.94
CA ASN A 144 19.40 2.68 17.09
C ASN A 144 18.49 1.84 16.21
N GLY A 145 18.79 1.80 14.91
CA GLY A 145 18.13 0.87 14.00
C GLY A 145 19.00 -0.36 13.82
N ARG A 146 18.41 -1.56 13.90
CA ARG A 146 19.15 -2.81 13.66
C ARG A 146 18.52 -3.60 12.51
N TRP A 147 19.35 -4.07 11.58
CA TRP A 147 18.87 -4.82 10.39
C TRP A 147 19.61 -6.12 10.09
N GLY A 148 20.48 -6.54 10.99
CA GLY A 148 21.15 -7.82 10.82
C GLY A 148 21.63 -8.39 12.13
N GLU A 149 22.02 -9.66 12.11
CA GLU A 149 22.57 -10.32 13.28
C GLU A 149 23.89 -9.68 13.70
N GLU A 150 24.84 -9.58 12.77
CA GLU A 150 26.13 -8.94 13.07
C GLU A 150 25.98 -7.43 13.04
N ILE A 151 26.71 -6.74 13.91
CA ILE A 151 26.65 -5.27 13.96
C ILE A 151 27.71 -4.64 13.06
N THR A 152 27.24 -3.91 12.05
CA THR A 152 28.12 -3.27 11.07
C THR A 152 27.49 -1.93 10.68
N PRO A 153 28.25 -1.03 10.01
CA PRO A 153 27.61 0.20 9.49
C PRO A 153 26.43 -0.09 8.57
N GLN A 154 26.41 -1.26 7.95
CA GLN A 154 25.31 -1.68 7.08
C GLN A 154 24.07 -2.10 7.85
N THR A 155 24.27 -2.61 9.07
CA THR A 155 23.22 -3.28 9.81
C THR A 155 22.81 -2.53 11.10
N TRP A 156 23.41 -1.37 11.31
CA TRP A 156 23.30 -0.65 12.59
C TRP A 156 23.56 0.83 12.34
N ARG A 157 22.53 1.64 12.55
CA ARG A 157 22.58 3.06 12.24
C ARG A 157 21.62 3.80 13.15
N VAL A 158 21.98 5.03 13.51
CA VAL A 158 21.17 5.86 14.38
C VAL A 158 20.14 6.62 13.57
N LEU A 159 18.88 6.42 13.95
CA LEU A 159 17.77 7.18 13.45
C LEU A 159 17.60 8.35 14.41
N HIS A 160 18.06 9.53 13.98
CA HIS A 160 18.04 10.72 14.83
C HIS A 160 16.66 11.30 15.04
N ALA A 161 16.48 11.91 16.21
CA ALA A 161 15.37 12.80 16.47
C ALA A 161 15.85 14.23 16.21
N ASN A 162 14.93 15.08 15.77
CA ASN A 162 15.23 16.49 15.61
C ASN A 162 15.41 17.15 16.98
N HIS A 163 16.59 17.71 17.20
CA HIS A 163 16.90 18.42 18.45
C HIS A 163 16.78 19.93 18.30
N GLY A 164 16.56 20.39 17.07
CA GLY A 164 16.57 21.82 16.74
C GLY A 164 15.19 22.43 16.79
N GLY A 165 15.02 23.56 16.12
CA GLY A 165 13.81 24.41 16.24
C GLY A 165 12.57 24.10 15.41
N ASP A 166 12.74 23.46 14.25
CA ASP A 166 11.59 23.13 13.40
C ASP A 166 11.10 21.70 13.62
N ARG A 167 10.53 21.50 14.82
CA ARG A 167 10.18 20.20 15.37
C ARG A 167 9.02 19.51 14.65
N TRP A 168 8.31 20.23 13.79
CA TRP A 168 7.30 19.60 12.96
C TRP A 168 7.91 18.56 12.02
N ILE A 169 9.19 18.74 11.68
CA ILE A 169 10.02 17.65 11.12
C ILE A 169 10.61 16.88 12.30
N THR A 170 10.00 15.75 12.64
CA THR A 170 10.25 15.11 13.94
C THR A 170 11.58 14.36 14.07
N GLY A 171 12.10 13.87 12.94
CA GLY A 171 13.27 13.01 12.98
C GLY A 171 13.52 12.33 11.64
N ASP A 172 14.57 11.52 11.59
CA ASP A 172 14.93 10.70 10.43
C ASP A 172 13.79 9.71 10.15
N SER A 173 13.71 9.32 8.87
CA SER A 173 12.79 8.29 8.41
C SER A 173 13.43 7.38 7.35
N TYR A 174 12.95 6.16 7.25
CA TYR A 174 13.44 5.23 6.23
C TYR A 174 12.35 4.18 5.92
N VAL A 175 12.54 3.40 4.87
CA VAL A 175 11.63 2.28 4.57
C VAL A 175 12.22 0.96 5.07
N GLU A 176 11.47 0.26 5.93
CA GLU A 176 11.86 -1.07 6.40
C GLU A 176 11.60 -2.00 5.21
N PRO A 177 12.66 -2.66 4.68
CA PRO A 177 12.42 -3.47 3.49
C PRO A 177 11.61 -4.72 3.81
N SER A 178 10.92 -5.23 2.81
CA SER A 178 10.10 -6.42 2.93
C SER A 178 10.91 -7.56 3.49
N TYR A 179 10.39 -8.17 4.56
CA TYR A 179 10.86 -9.47 5.06
C TYR A 179 12.13 -9.51 5.94
N CYS A 180 12.94 -8.46 5.86
CA CYS A 180 14.18 -8.42 6.62
C CYS A 180 13.90 -8.12 8.10
N PRO A 181 14.45 -8.94 9.01
CA PRO A 181 14.27 -8.77 10.45
C PRO A 181 14.85 -7.43 10.90
N HIS A 182 14.19 -6.75 11.82
CA HIS A 182 14.66 -5.46 12.30
C HIS A 182 14.22 -5.25 13.75
N SER A 183 14.85 -4.30 14.42
CA SER A 183 14.51 -3.93 15.81
C SER A 183 15.11 -2.57 16.12
N TYR A 184 14.67 -1.99 17.24
CA TYR A 184 15.11 -0.66 17.68
C TYR A 184 15.46 -0.64 19.17
N SER A 185 16.43 0.20 19.50
CA SER A 185 16.77 0.51 20.89
C SER A 185 17.08 1.99 21.01
N LEU A 186 17.09 2.49 22.25
CA LEU A 186 17.53 3.85 22.49
C LEU A 186 19.01 4.00 22.22
N ALA A 187 19.38 5.11 21.61
CA ALA A 187 20.78 5.43 21.39
C ALA A 187 21.42 6.08 22.64
N GLY A 188 20.59 6.58 23.55
CA GLY A 188 21.09 7.23 24.75
C GLY A 188 20.09 7.06 25.88
N ASP A 189 20.13 7.96 26.87
CA ASP A 189 19.15 7.92 27.96
C ASP A 189 17.81 8.55 27.58
N ALA A 190 17.83 9.49 26.64
CA ALA A 190 16.59 10.17 26.25
C ALA A 190 15.58 9.18 25.67
N PRO A 191 14.30 9.29 26.11
CA PRO A 191 13.31 8.33 25.60
C PRO A 191 12.92 8.70 24.17
N ALA A 192 12.15 7.84 23.52
CA ALA A 192 11.79 8.00 22.10
C ALA A 192 10.58 7.16 21.67
N ARG A 193 9.79 7.72 20.77
CA ARG A 193 8.71 6.98 20.11
C ARG A 193 8.92 6.97 18.62
N ILE A 194 8.43 5.92 17.95
CA ILE A 194 8.37 5.90 16.49
C ILE A 194 6.95 5.67 16.01
N VAL A 195 6.68 6.05 14.76
CA VAL A 195 5.51 5.57 14.06
C VAL A 195 6.05 4.61 13.03
N SER A 196 5.47 3.42 12.94
CA SER A 196 5.78 2.53 11.84
C SER A 196 4.50 2.32 11.04
N TYR A 197 4.57 2.72 9.77
CA TYR A 197 3.40 2.74 8.91
C TYR A 197 3.54 1.77 7.74
N THR A 198 2.71 0.74 7.73
CA THR A 198 2.81 -0.29 6.70
C THR A 198 1.83 -0.02 5.57
N ALA A 199 2.27 -0.25 4.34
CA ALA A 199 1.36 -0.29 3.19
C ALA A 199 0.94 -1.74 2.94
N GLN A 200 -0.15 -1.95 2.23
CA GLN A 200 -0.53 -3.28 1.75
C GLN A 200 0.59 -3.81 0.86
N SER A 201 0.81 -5.12 0.87
CA SER A 201 1.76 -5.71 -0.06
C SER A 201 1.07 -5.92 -1.40
N ASN A 202 1.69 -5.41 -2.48
CA ASN A 202 1.11 -5.58 -3.81
C ASN A 202 1.41 -6.94 -4.41
N ILE A 203 2.32 -7.68 -3.80
CA ILE A 203 2.68 -9.01 -4.28
C ILE A 203 1.87 -10.06 -3.52
N SER A 204 1.20 -9.60 -2.47
CA SER A 204 0.40 -10.50 -1.63
C SER A 204 -0.69 -11.30 -2.36
N PRO A 205 -1.55 -10.63 -3.16
CA PRO A 205 -2.54 -11.42 -3.90
C PRO A 205 -1.92 -12.57 -4.73
N LEU A 206 -0.80 -12.31 -5.38
CA LEU A 206 -0.08 -13.37 -6.12
C LEU A 206 0.42 -14.50 -5.23
N THR A 208 -0.67 -15.42 -2.24
CA THR A 208 -1.84 -16.14 -1.76
C THR A 208 -2.27 -17.25 -2.73
N GLU A 209 -2.29 -16.92 -4.03
CA GLU A 209 -2.62 -17.89 -5.06
C GLU A 209 -1.49 -18.88 -5.30
N ALA A 210 -0.25 -18.40 -5.41
CA ALA A 210 0.90 -19.28 -5.67
C ALA A 210 1.07 -20.31 -4.54
N ASN A 211 0.71 -19.92 -3.31
CA ASN A 211 0.73 -20.84 -2.18
C ASN A 211 -0.17 -22.06 -2.38
N ASN A 212 -1.21 -21.91 -3.19
CA ASN A 212 -2.17 -22.99 -3.40
C ASN A 212 -1.89 -23.82 -4.66
N TRP A 213 -0.86 -23.42 -5.40
CA TRP A 213 -0.44 -24.17 -6.57
C TRP A 213 0.23 -25.47 -6.14
N SER A 214 0.22 -26.46 -7.03
CA SER A 214 1.03 -27.66 -6.82
C SER A 214 2.51 -27.29 -6.68
N THR A 215 3.27 -28.12 -5.96
CA THR A 215 4.68 -27.82 -5.75
C THR A 215 5.42 -27.75 -7.08
N GLY A 216 5.09 -28.65 -8.01
CA GLY A 216 5.68 -28.63 -9.34
C GLY A 216 5.56 -27.30 -10.06
N ALA A 217 4.34 -26.74 -10.06
CA ALA A 217 4.07 -25.47 -10.73
C ALA A 217 4.76 -24.32 -10.01
N PHE A 218 4.80 -24.40 -8.69
CA PHE A 218 5.44 -23.36 -7.88
C PHE A 218 6.94 -23.30 -8.22
N GLU A 219 7.57 -24.47 -8.34
CA GLU A 219 8.99 -24.51 -8.70
C GLU A 219 9.29 -23.94 -10.07
N GLU A 220 8.40 -24.20 -11.03
CA GLU A 220 8.48 -23.64 -12.37
C GLU A 220 8.38 -22.13 -12.35
N ALA A 221 7.46 -21.60 -11.55
CA ALA A 221 7.31 -20.16 -11.36
C ALA A 221 8.61 -19.54 -10.83
N LEU A 222 9.16 -20.13 -9.79
CA LEU A 222 10.39 -19.61 -9.18
C LEU A 222 11.53 -19.58 -10.19
N LYS A 223 11.65 -20.62 -11.02
CA LYS A 223 12.63 -20.67 -12.11
C LYS A 223 12.47 -19.51 -13.07
N ALA A 224 11.24 -19.30 -13.52
CA ALA A 224 10.95 -18.19 -14.42
C ALA A 224 11.19 -16.82 -13.76
N LEU A 225 11.12 -16.77 -12.43
CA LEU A 225 11.37 -15.54 -11.67
C LEU A 225 12.77 -15.44 -11.06
N SER A 226 13.61 -16.46 -11.28
CA SER A 226 14.96 -16.48 -10.71
C SER A 226 15.92 -15.61 -11.51
N GLY A 227 16.89 -15.03 -10.82
CA GLY A 227 17.95 -14.25 -11.46
C GLY A 227 17.52 -12.86 -11.87
N LYS A 228 18.01 -12.40 -13.02
CA LYS A 228 17.67 -11.07 -13.54
C LYS A 228 16.33 -11.16 -14.27
N VAL A 229 15.35 -10.40 -13.78
CA VAL A 229 14.05 -10.35 -14.43
C VAL A 229 14.09 -9.18 -15.39
N SER A 230 14.49 -9.46 -16.63
CA SER A 230 14.80 -8.43 -17.62
C SER A 230 13.67 -8.23 -18.62
N ALA A 231 13.87 -7.28 -19.54
CA ALA A 231 12.94 -7.09 -20.66
C ALA A 231 12.85 -8.40 -21.44
N GLY A 232 14.01 -9.01 -21.71
CA GLY A 232 14.06 -10.26 -22.46
C GLY A 232 13.41 -11.47 -21.80
N SER A 233 13.66 -11.66 -20.52
CA SER A 233 13.09 -12.80 -19.81
C SER A 233 11.57 -12.67 -19.78
N VAL A 234 11.07 -11.49 -19.42
CA VAL A 234 9.62 -11.25 -19.38
C VAL A 234 8.99 -11.39 -20.78
N LEU A 235 9.61 -10.77 -21.80
CA LEU A 235 9.09 -10.87 -23.16
C LEU A 235 8.94 -12.32 -23.61
N ASP A 236 9.95 -13.14 -23.32
CA ASP A 236 9.94 -14.53 -23.74
C ASP A 236 8.76 -15.28 -23.14
N LEU A 237 8.40 -14.93 -21.91
CA LEU A 237 7.22 -15.52 -21.29
C LEU A 237 5.95 -15.04 -21.99
N PHE A 238 5.90 -13.76 -22.34
CA PHE A 238 4.76 -13.20 -23.09
C PHE A 238 4.60 -13.89 -24.46
N LEU A 239 5.72 -14.18 -25.11
CA LEU A 239 5.70 -14.83 -26.42
C LEU A 239 5.20 -16.27 -26.34
N ALA A 240 5.82 -17.07 -25.48
CA ALA A 240 5.40 -18.45 -25.28
C ALA A 240 3.90 -18.53 -24.99
N ARG A 241 3.41 -17.59 -24.18
CA ARG A 241 1.99 -17.47 -23.82
C ARG A 241 1.12 -17.32 -25.08
N ARG A 242 1.63 -16.62 -26.08
CA ARG A 242 0.91 -16.42 -27.34
C ARG A 242 1.34 -17.38 -28.45
N ALA A 243 2.06 -18.44 -28.07
CA ALA A 243 2.56 -19.46 -29.01
C ALA A 243 3.39 -18.81 -30.11
N HIS A 244 4.26 -17.89 -29.71
CA HIS A 244 5.20 -17.23 -30.62
C HIS A 244 6.61 -17.54 -30.18
N THR A 245 7.55 -17.46 -31.12
CA THR A 245 8.99 -17.43 -30.81
C THR A 245 9.43 -16.00 -31.03
N ARG A 246 10.65 -15.65 -30.65
CA ARG A 246 11.18 -14.32 -31.02
C ARG A 246 11.14 -14.08 -32.53
N THR A 247 11.37 -15.14 -33.30
CA THR A 247 11.37 -15.05 -34.75
C THR A 247 9.99 -14.72 -35.30
N SER A 248 8.96 -15.48 -34.92
CA SER A 248 7.61 -15.20 -35.41
C SER A 248 7.05 -13.86 -34.93
N ALA A 249 7.35 -13.48 -33.69
CA ALA A 249 6.88 -12.22 -33.11
C ALA A 249 7.39 -11.01 -33.89
N ALA A 250 8.69 -11.00 -34.14
CA ALA A 250 9.34 -9.94 -34.92
C ALA A 250 8.76 -9.87 -36.34
N GLU A 251 8.48 -11.04 -36.92
CA GLU A 251 7.82 -11.14 -38.24
C GLU A 251 6.43 -10.52 -38.23
N ALA A 252 5.63 -10.91 -37.23
CA ALA A 252 4.25 -10.46 -37.09
C ALA A 252 4.16 -8.95 -36.95
N ALA A 253 5.17 -8.37 -36.34
CA ALA A 253 5.19 -6.95 -36.01
C ALA A 253 5.84 -6.11 -37.10
N GLY A 254 6.49 -6.77 -38.06
CA GLY A 254 7.23 -6.08 -39.12
C GLY A 254 8.56 -5.52 -38.66
N VAL A 255 9.15 -6.17 -37.65
CA VAL A 255 10.37 -5.68 -36.99
C VAL A 255 11.54 -6.62 -37.28
N PRO A 256 12.70 -6.06 -37.72
CA PRO A 256 13.89 -6.88 -37.95
C PRO A 256 14.43 -7.52 -36.67
N PRO A 257 14.76 -8.83 -36.72
CA PRO A 257 15.27 -9.55 -35.56
C PRO A 257 16.35 -8.81 -34.79
N ALA A 258 17.22 -8.09 -35.50
CA ALA A 258 18.32 -7.35 -34.87
C ALA A 258 17.84 -6.13 -34.08
N ASP A 259 16.77 -5.50 -34.54
CA ASP A 259 16.23 -4.36 -33.83
C ASP A 259 15.53 -4.78 -32.55
N LEU A 260 14.87 -5.94 -32.60
CA LEU A 260 14.29 -6.54 -31.40
C LEU A 260 15.35 -6.82 -30.33
N GLU A 261 16.45 -7.44 -30.74
CA GLU A 261 17.55 -7.76 -29.83
C GLU A 261 18.16 -6.50 -29.23
N ALA A 262 18.28 -5.46 -30.05
CA ALA A 262 18.78 -4.14 -29.60
C ALA A 262 17.83 -3.48 -28.61
N ALA A 263 16.53 -3.51 -28.93
CA ALA A 263 15.47 -3.03 -28.03
C ALA A 263 15.54 -3.66 -26.64
N LEU A 264 15.81 -4.96 -26.60
CA LEU A 264 15.81 -5.70 -25.34
C LEU A 264 17.03 -5.40 -24.48
N ARG A 265 18.14 -5.01 -25.10
CA ARG A 265 19.30 -4.54 -24.32
C ARG A 265 19.11 -3.12 -23.76
N SER A 266 18.27 -2.33 -24.42
CA SER A 266 18.01 -0.94 -24.03
C SER A 266 16.53 -0.58 -24.19
N PRO A 267 15.65 -1.20 -23.38
CA PRO A 267 14.21 -0.98 -23.55
C PRO A 267 13.75 0.47 -23.38
N ALA A 268 14.41 1.23 -22.51
CA ALA A 268 14.01 2.61 -22.24
C ALA A 268 14.67 3.67 -23.12
N SER A 269 15.42 3.23 -24.14
CA SER A 269 15.87 4.12 -25.22
C SER A 269 14.71 4.24 -26.18
N GLU A 270 14.37 5.46 -26.63
CA GLU A 270 13.14 5.63 -27.41
C GLU A 270 13.07 4.74 -28.67
N THR A 271 14.23 4.28 -29.15
CA THR A 271 14.28 3.19 -30.14
C THR A 271 13.85 1.82 -29.57
N GLY A 272 14.34 1.47 -28.38
CA GLY A 272 13.84 0.30 -27.66
C GLY A 272 12.34 0.42 -27.47
N LEU A 273 11.90 1.55 -26.93
CA LEU A 273 10.48 1.77 -26.68
C LEU A 273 9.64 1.66 -27.95
N THR A 274 10.11 2.24 -29.05
CA THR A 274 9.36 2.16 -30.31
C THR A 274 9.17 0.72 -30.80
N VAL A 275 10.23 -0.08 -30.69
CA VAL A 275 10.19 -1.49 -31.09
C VAL A 275 9.22 -2.28 -30.20
N LEU A 276 9.35 -2.11 -28.89
CA LEU A 276 8.53 -2.86 -27.93
C LEU A 276 7.06 -2.52 -28.00
N ARG A 277 6.75 -1.26 -28.26
CA ARG A 277 5.37 -0.83 -28.42
C ARG A 277 4.75 -1.35 -29.72
N THR A 278 5.55 -1.35 -30.78
CA THR A 278 5.15 -1.96 -32.04
C THR A 278 4.83 -3.45 -31.85
N LEU A 279 5.74 -4.16 -31.18
CA LEU A 279 5.53 -5.56 -30.86
C LEU A 279 4.29 -5.76 -29.99
N GLY A 280 4.13 -4.87 -29.00
CA GLY A 280 2.98 -4.96 -28.09
C GLY A 280 1.64 -4.75 -28.77
N ARG A 281 1.60 -3.82 -29.72
CA ARG A 281 0.38 -3.55 -30.50
C ARG A 281 0.05 -4.71 -31.43
N ALA A 282 1.08 -5.29 -32.06
CA ALA A 282 0.87 -6.38 -32.99
C ALA A 282 0.42 -7.65 -32.26
N LEU A 283 1.02 -7.90 -31.10
CA LEU A 283 0.83 -9.17 -30.37
C LEU A 283 -0.19 -9.12 -29.24
N GLY A 284 -0.65 -7.93 -28.89
CA GLY A 284 -1.69 -7.80 -27.86
C GLY A 284 -1.16 -7.80 -26.43
N PHE A 285 -0.13 -7.00 -26.17
CA PHE A 285 0.35 -6.81 -24.79
C PHE A 285 0.79 -5.37 -24.55
N ASP A 286 0.98 -5.04 -23.27
CA ASP A 286 1.35 -3.70 -22.81
C ASP A 286 2.87 -3.64 -22.64
N TYR A 287 3.53 -2.87 -23.50
CA TYR A 287 4.99 -2.75 -23.52
C TYR A 287 5.55 -2.15 -22.22
N ARG A 288 4.73 -1.38 -21.51
CA ARG A 288 5.20 -0.64 -20.32
C ARG A 288 5.78 -1.50 -19.21
N VAL A 289 5.29 -2.73 -19.07
CA VAL A 289 5.75 -3.62 -18.02
C VAL A 289 7.12 -4.22 -18.36
N LEU A 290 7.57 -4.00 -19.60
CA LEU A 290 8.88 -4.44 -20.08
C LEU A 290 9.98 -3.41 -19.89
N LEU A 291 9.59 -2.19 -19.54
CA LEU A 291 10.51 -1.08 -19.31
C LEU A 291 11.22 -1.24 -17.97
N PRO A 292 12.49 -0.76 -17.88
CA PRO A 292 13.25 -0.93 -16.64
C PRO A 292 12.68 -0.19 -15.43
N ALA A 293 12.75 -0.83 -14.28
CA ALA A 293 12.55 -0.17 -13.00
C ALA A 293 13.93 -0.07 -12.37
N ASP A 294 14.08 0.78 -11.36
CA ASP A 294 15.34 0.89 -10.62
C ASP A 294 15.83 -0.47 -10.08
N ASP A 295 17.13 -0.74 -10.24
CA ASP A 295 17.74 -1.92 -9.64
C ASP A 295 17.66 -1.83 -8.13
N GLN A 296 17.85 -2.97 -7.47
CA GLN A 296 17.57 -3.05 -6.05
C GLN A 296 18.82 -3.28 -5.20
N VAL A 300 19.24 -0.21 3.74
CA VAL A 300 18.38 0.93 4.13
C VAL A 300 18.93 2.28 3.64
N GLY A 301 20.13 2.23 3.07
CA GLY A 301 20.84 3.44 2.64
C GLY A 301 20.13 4.25 1.57
N LYS A 302 19.48 3.59 0.62
CA LYS A 302 18.84 4.28 -0.50
C LYS A 302 17.61 5.09 -0.09
N THR A 303 16.80 4.58 0.84
CA THR A 303 15.59 5.32 1.21
C THR A 303 15.81 6.21 2.43
N TRP A 304 16.95 6.05 3.11
CA TRP A 304 17.26 6.86 4.28
C TRP A 304 17.06 8.36 4.05
N THR A 305 16.21 8.97 4.86
CA THR A 305 15.87 10.40 4.74
C THR A 305 16.15 11.07 6.08
N THR A 306 17.16 11.92 6.10
CA THR A 306 17.55 12.61 7.32
C THR A 306 16.65 13.80 7.64
N ILE A 307 16.78 14.32 8.86
CA ILE A 307 16.13 15.58 9.21
C ILE A 307 16.47 16.67 8.18
N GLU A 308 17.76 16.80 7.84
CA GLU A 308 18.24 17.74 6.85
C GLU A 308 17.55 17.55 5.51
N ASP A 309 17.46 16.29 5.07
CA ASP A 309 16.75 15.97 3.83
C ASP A 309 15.35 16.56 3.88
N SER A 310 14.65 16.33 4.98
CA SER A 310 13.28 16.77 5.09
C SER A 310 13.17 18.30 5.12
N ARG A 311 14.07 18.96 5.84
CA ARG A 311 14.18 20.43 5.84
C ARG A 311 14.34 20.97 4.42
N ARG A 312 15.27 20.37 3.68
CA ARG A 312 15.56 20.76 2.30
C ARG A 312 14.36 20.60 1.36
N SER A 313 13.49 19.62 1.63
CA SER A 313 12.31 19.39 0.79
C SER A 313 11.09 20.28 1.11
N ARG A 314 11.16 21.10 2.16
CA ARG A 314 10.06 21.97 2.55
C ARG A 314 9.51 22.77 1.40
N ARG A 315 8.18 22.75 1.27
CA ARG A 315 7.47 23.55 0.26
C ARG A 315 6.10 23.94 0.80
N THR A 316 5.57 25.03 0.24
CA THR A 316 4.16 25.37 0.42
C THR A 316 3.31 24.39 -0.36
N PHE A 317 2.33 23.81 0.31
CA PHE A 317 1.35 22.98 -0.37
C PHE A 317 -0.04 23.48 -0.02
N GLY A 318 -0.61 24.29 -0.92
CA GLY A 318 -1.82 25.04 -0.60
C GLY A 318 -1.66 25.87 0.66
N THR A 319 -2.53 25.63 1.64
CA THR A 319 -2.48 26.34 2.92
C THR A 319 -1.45 25.74 3.88
N TYR A 320 -0.86 24.61 3.51
CA TYR A 320 0.06 23.88 4.38
C TYR A 320 1.52 24.11 4.01
N GLU A 321 2.41 23.91 4.98
CA GLU A 321 3.81 23.66 4.65
C GLU A 321 4.06 22.16 4.73
N ALA A 322 4.75 21.61 3.73
CA ALA A 322 4.96 20.16 3.66
C ALA A 322 6.44 19.84 3.58
N ALA A 323 6.81 18.73 4.21
CA ALA A 323 8.15 18.16 4.10
C ALA A 323 8.04 16.65 3.92
N SER A 324 8.99 16.11 3.16
CA SER A 324 8.97 14.71 2.74
C SER A 324 9.59 13.77 3.76
N ALA A 326 10.77 9.52 3.97
CA ALA A 326 11.34 8.53 3.06
C ALA A 326 10.32 7.98 2.04
N SER A 327 10.82 7.69 0.86
CA SER A 327 10.03 7.08 -0.20
C SER A 327 10.90 6.11 -0.99
N ALA A 328 10.24 5.29 -1.80
CA ALA A 328 10.95 4.40 -2.70
C ALA A 328 10.15 4.29 -3.97
N ALA A 329 10.84 4.45 -5.10
CA ALA A 329 10.19 4.31 -6.40
C ALA A 329 9.64 2.90 -6.59
N HIS A 330 10.24 1.92 -5.89
CA HIS A 330 9.78 0.53 -5.95
C HIS A 330 8.46 0.32 -5.21
N LEU A 331 8.01 1.36 -4.51
CA LEU A 331 6.85 1.27 -3.62
C LEU A 331 5.97 2.51 -3.82
N PRO A 332 5.35 2.65 -4.98
CA PRO A 332 4.65 3.89 -5.33
C PRO A 332 3.39 4.12 -4.49
N ASP A 333 2.89 3.07 -3.85
CA ASP A 333 1.66 3.18 -3.06
C ASP A 333 1.89 3.61 -1.61
N LEU A 334 3.15 3.72 -1.21
CA LEU A 334 3.51 4.01 0.18
C LEU A 334 4.06 5.44 0.31
N VAL A 335 3.39 6.29 1.07
CA VAL A 335 3.81 7.70 1.16
C VAL A 335 3.78 8.23 2.58
N GLY A 336 4.64 9.21 2.83
CA GLY A 336 4.62 9.92 4.12
C GLY A 336 5.12 11.34 3.99
N SER A 337 4.45 12.25 4.71
CA SER A 337 4.79 13.68 4.71
C SER A 337 4.58 14.28 6.08
N PHE A 338 5.41 15.26 6.44
CA PHE A 338 5.13 16.12 7.59
C PHE A 338 4.28 17.29 7.10
N LEU A 339 3.16 17.57 7.78
CA LEU A 339 2.35 18.74 7.43
C LEU A 339 2.25 19.78 8.54
N ARG A 340 2.67 21.00 8.24
CA ARG A 340 2.45 22.12 9.16
C ARG A 340 1.17 22.89 8.79
N VAL A 341 0.35 23.18 9.80
CA VAL A 341 -0.96 23.79 9.58
C VAL A 341 -0.99 25.19 10.19
N ASP A 349 -7.99 22.56 0.58
CA ASP A 349 -8.64 21.26 0.52
C ASP A 349 -7.64 20.15 0.25
N LEU A 350 -7.91 18.98 0.80
CA LEU A 350 -7.09 17.81 0.53
C LEU A 350 -7.95 16.74 -0.10
N ILE A 351 -7.43 16.15 -1.17
CA ILE A 351 -8.08 15.01 -1.77
C ILE A 351 -7.00 14.10 -2.31
N ASP A 352 -7.06 12.83 -1.91
CA ASP A 352 -6.07 11.85 -2.35
C ASP A 352 -6.72 10.73 -3.11
N HIS A 353 -5.96 10.09 -4.01
CA HIS A 353 -6.49 9.02 -4.83
C HIS A 353 -6.49 7.65 -4.12
N ALA A 354 -6.02 7.60 -2.87
CA ALA A 354 -6.16 6.41 -2.03
C ALA A 354 -6.23 6.86 -0.55
N GLU A 355 -6.11 5.91 0.37
CA GLU A 355 -6.29 6.17 1.80
C GLU A 355 -5.21 7.05 2.44
N ASN A 356 -5.63 7.81 3.44
CA ASN A 356 -4.74 8.59 4.30
C ASN A 356 -4.86 8.15 5.76
N HIS A 357 -3.74 8.13 6.49
CA HIS A 357 -3.75 8.02 7.95
C HIS A 357 -2.99 9.21 8.49
N TYR A 358 -3.61 9.96 9.41
CA TYR A 358 -3.02 11.16 9.95
C TYR A 358 -2.84 11.02 11.45
N VAL A 359 -1.74 11.55 11.98
CA VAL A 359 -1.57 11.67 13.43
C VAL A 359 -1.05 13.04 13.82
N VAL A 360 -1.73 13.67 14.79
CA VAL A 360 -1.42 15.03 15.23
C VAL A 360 -0.21 14.95 16.15
N THR A 361 0.78 15.79 15.87
CA THR A 361 1.96 15.85 16.71
C THR A 361 2.04 17.15 17.51
N GLU A 362 1.29 18.17 17.08
CA GLU A 362 1.27 19.46 17.79
C GLU A 362 -0.03 20.21 17.52
N GLY A 363 -0.51 20.90 18.54
CA GLY A 363 -1.73 21.71 18.42
C GLY A 363 -3.04 20.97 18.63
N ARG A 364 -4.09 21.74 18.82
CA ARG A 364 -5.44 21.24 18.81
C ARG A 364 -5.98 21.56 17.43
N LEU A 365 -6.03 20.53 16.59
CA LEU A 365 -6.35 20.70 15.17
C LEU A 365 -7.75 20.19 14.88
N THR A 366 -8.41 20.81 13.90
CA THR A 366 -9.72 20.36 13.49
C THR A 366 -9.63 19.71 12.10
N LEU A 367 -10.11 18.48 12.00
CA LEU A 367 -10.20 17.83 10.70
C LEU A 367 -11.64 17.95 10.25
N GLU A 368 -11.83 18.54 9.08
CA GLU A 368 -13.15 18.73 8.50
C GLU A 368 -13.28 17.91 7.25
N TRP A 369 -14.44 17.29 7.08
CA TRP A 369 -14.71 16.55 5.87
C TRP A 369 -16.16 16.68 5.41
N ASP A 370 -16.40 16.29 4.17
CA ASP A 370 -17.75 16.25 3.64
C ASP A 370 -18.09 14.77 3.49
N GLY A 371 -19.12 14.35 4.20
CA GLY A 371 -19.51 12.95 4.18
C GLY A 371 -20.96 12.81 3.82
N PRO A 372 -21.51 11.59 3.98
CA PRO A 372 -22.90 11.25 3.68
C PRO A 372 -23.92 12.10 4.43
N ASP A 373 -23.52 12.67 5.56
CA ASP A 373 -24.42 13.50 6.36
C ASP A 373 -24.08 15.00 6.20
N GLY A 374 -23.34 15.33 5.16
CA GLY A 374 -22.89 16.71 4.95
C GLY A 374 -21.58 17.01 5.66
N PRO A 375 -21.24 18.31 5.80
CA PRO A 375 -20.03 18.76 6.49
C PRO A 375 -19.92 18.19 7.89
N ALA A 376 -18.77 17.58 8.20
CA ALA A 376 -18.50 17.04 9.53
C ALA A 376 -17.11 17.47 9.98
N SER A 377 -16.84 17.36 11.26
CA SER A 377 -15.53 17.74 11.78
C SER A 377 -15.21 17.10 13.13
N VAL A 378 -13.92 16.99 13.41
CA VAL A 378 -13.45 16.47 14.69
C VAL A 378 -12.24 17.29 15.12
N GLU A 379 -12.14 17.52 16.42
CA GLU A 379 -10.97 18.17 16.97
C GLU A 379 -10.06 17.09 17.58
N LEU A 380 -8.77 17.16 17.24
CA LEU A 380 -7.82 16.16 17.65
C LEU A 380 -6.58 16.83 18.24
N GLU A 381 -6.09 16.31 19.36
CA GLU A 381 -4.87 16.82 19.99
C GLU A 381 -3.73 15.86 19.66
N PRO A 382 -2.47 16.21 20.03
CA PRO A 382 -1.36 15.31 19.71
C PRO A 382 -1.58 13.88 20.18
N ASP A 383 -1.22 12.92 19.31
CA ASP A 383 -1.52 11.47 19.45
C ASP A 383 -2.91 11.07 18.93
N GLY A 384 -3.80 12.07 18.83
CA GLY A 384 -5.09 11.91 18.16
C GLY A 384 -4.85 11.66 16.69
N SER A 385 -5.70 10.84 16.08
CA SER A 385 -5.41 10.38 14.72
C SER A 385 -6.69 10.25 13.92
N ALA A 386 -6.54 10.18 12.59
CA ALA A 386 -7.66 9.98 11.70
C ALA A 386 -7.31 9.10 10.51
N TRP A 387 -8.35 8.60 9.85
CA TRP A 387 -8.20 7.89 8.57
C TRP A 387 -9.18 8.49 7.59
N THR A 388 -8.76 8.64 6.33
CA THR A 388 -9.67 9.10 5.28
C THR A 388 -9.71 8.10 4.12
N GLY A 389 -10.91 7.80 3.64
CA GLY A 389 -11.08 6.94 2.47
C GLY A 389 -10.53 7.57 1.21
N PRO A 390 -10.38 6.76 0.15
CA PRO A 390 -9.95 7.30 -1.13
C PRO A 390 -10.93 8.38 -1.60
N PHE A 391 -10.39 9.50 -2.07
CA PHE A 391 -11.18 10.58 -2.69
C PHE A 391 -12.15 11.30 -1.77
N VAL A 392 -11.89 11.20 -0.46
CA VAL A 392 -12.67 11.92 0.54
C VAL A 392 -12.04 13.29 0.71
N ARG A 393 -12.79 14.31 0.33
CA ARG A 393 -12.36 15.70 0.42
C ARG A 393 -12.41 16.13 1.91
N HIS A 394 -11.33 16.76 2.37
CA HIS A 394 -11.11 17.08 3.77
C HIS A 394 -10.11 18.21 3.86
N ARG A 395 -9.96 18.79 5.05
CA ARG A 395 -9.04 19.90 5.25
C ARG A 395 -8.71 19.93 6.74
N TRP A 396 -7.55 20.49 7.07
CA TRP A 396 -7.15 20.71 8.46
C TRP A 396 -7.20 22.20 8.81
N HIS A 397 -7.81 22.54 9.95
CA HIS A 397 -7.71 23.91 10.46
C HIS A 397 -7.05 23.95 11.83
N GLY A 398 -6.48 25.11 12.17
CA GLY A 398 -5.80 25.28 13.45
C GLY A 398 -4.32 25.54 13.25
N THR A 399 -3.54 25.38 14.31
CA THR A 399 -2.09 25.58 14.27
C THR A 399 -1.39 24.56 15.20
N GLY A 400 -0.58 23.62 14.71
CA GLY A 400 -0.58 23.13 13.36
C GLY A 400 0.58 22.19 13.03
N THR A 401 0.58 20.96 13.54
CA THR A 401 1.40 19.89 12.92
C THR A 401 0.79 18.48 12.93
N VAL A 402 0.70 17.90 11.74
CA VAL A 402 0.20 16.55 11.57
C VAL A 402 1.10 15.72 10.63
N LEU A 403 1.21 14.43 10.91
CA LEU A 403 1.90 13.50 10.02
C LEU A 403 0.90 12.89 9.06
N LYS A 404 1.20 12.94 7.76
CA LYS A 404 0.33 12.40 6.71
C LYS A 404 0.95 11.14 6.13
N PHE A 405 0.29 10.01 6.34
CA PHE A 405 0.70 8.76 5.72
C PHE A 405 -0.29 8.35 4.66
N GLY A 406 0.14 7.52 3.71
CA GLY A 406 -0.76 7.04 2.68
C GLY A 406 -0.39 5.66 2.22
N SER A 407 -1.42 4.83 2.04
CA SER A 407 -1.32 3.45 1.56
C SER A 407 -2.61 3.13 0.82
N GLY A 408 -2.72 1.91 0.31
CA GLY A 408 -3.94 1.51 -0.38
C GLY A 408 -3.73 0.96 -1.77
N ALA A 409 -4.37 -0.17 -2.06
CA ALA A 409 -4.34 -0.75 -3.40
C ALA A 409 -5.27 -0.04 -4.38
N HIS A 410 -6.21 0.75 -3.85
CA HIS A 410 -7.20 1.41 -4.70
C HIS A 410 -7.42 2.85 -4.30
N LEU A 411 -7.07 3.80 -5.17
CA LEU A 411 -6.45 3.52 -6.48
C LEU A 411 -4.96 3.46 -6.28
N GLY A 412 -4.35 2.33 -6.59
CA GLY A 412 -2.91 2.16 -6.46
C GLY A 412 -2.26 2.25 -7.83
N TYR A 413 -0.95 2.09 -7.90
CA TYR A 413 -0.26 2.31 -9.18
C TYR A 413 -0.62 1.23 -10.21
N GLN A 414 -0.84 0.00 -9.77
CA GLN A 414 -1.36 -1.05 -10.65
C GLN A 414 -2.74 -0.73 -11.25
N ASP A 415 -3.62 -0.12 -10.45
CA ASP A 415 -4.93 0.36 -10.94
C ASP A 415 -4.69 1.44 -12.03
N TRP A 416 -3.73 2.32 -11.80
CA TRP A 416 -3.41 3.36 -12.78
C TRP A 416 -2.98 2.80 -14.15
N LEU A 417 -2.16 1.76 -14.14
CA LEU A 417 -1.82 1.01 -15.35
C LEU A 417 -3.06 0.51 -16.06
N GLU A 418 -3.98 -0.10 -15.33
CA GLU A 418 -5.20 -0.66 -15.92
C GLU A 418 -6.15 0.43 -16.42
N LEU A 419 -6.29 1.50 -15.65
CA LEU A 419 -7.16 2.63 -16.01
C LEU A 419 -6.74 3.31 -17.32
N THR A 420 -5.43 3.42 -17.53
CA THR A 420 -4.92 3.94 -18.81
C THR A 420 -5.17 2.96 -19.98
N ASN A 421 -5.42 1.69 -19.66
CA ASN A 421 -5.82 0.69 -20.67
C ASN A 421 -7.33 0.57 -20.85
N THR A 422 -8.09 1.45 -20.22
CA THR A 422 -9.55 1.36 -20.22
C THR A 422 -10.22 2.42 -21.08
N PHE A 423 -11.17 2.00 -21.92
CA PHE A 423 -12.00 2.95 -22.67
C PHE A 423 -13.03 3.55 -21.70
N GLU A 424 -13.06 4.87 -21.61
CA GLU A 424 -14.01 5.57 -20.73
C GLU A 424 -14.13 4.94 -19.34
N PRO A 425 -13.05 5.03 -18.54
CA PRO A 425 -13.01 4.47 -17.18
C PRO A 425 -14.12 4.99 -16.25
N ALA A 426 -14.43 6.28 -16.36
CA ALA A 426 -15.49 6.89 -15.57
C ALA A 426 -16.85 6.24 -15.86
N ALA A 427 -17.16 6.05 -17.15
CA ALA A 427 -18.41 5.36 -17.53
C ALA A 427 -18.47 3.92 -17.05
N THR A 428 -17.33 3.23 -17.06
CA THR A 428 -17.28 1.85 -16.58
C THR A 428 -17.57 1.79 -15.09
N LEU A 429 -16.90 2.66 -14.34
CA LEU A 429 -17.15 2.77 -12.91
C LEU A 429 -18.60 3.11 -12.58
N ARG A 430 -19.17 4.06 -13.32
CA ARG A 430 -20.54 4.46 -13.08
C ARG A 430 -21.50 3.28 -13.25
N ARG A 431 -21.24 2.47 -14.28
CA ARG A 431 -22.05 1.29 -14.60
C ARG A 431 -22.04 0.24 -13.48
N GLY A 432 -20.86 0.00 -12.90
CA GLY A 432 -20.72 -0.98 -11.82
C GLY A 432 -21.50 -0.62 -10.57
N ARG A 433 -21.67 0.68 -10.38
CA ARG A 433 -22.42 1.24 -9.29
C ARG A 433 -23.79 1.65 -9.83
#